data_9MMQ
#
_entry.id   9MMQ
#
_cell.length_a   1.00
_cell.length_b   1.00
_cell.length_c   1.00
_cell.angle_alpha   90.00
_cell.angle_beta   90.00
_cell.angle_gamma   90.00
#
_symmetry.space_group_name_H-M   'P 1'
#
loop_
_entity.id
_entity.type
_entity.pdbx_description
1 polymer 'RAF proto-oncogene serine/threonine-protein kinase'
2 polymer 'Dual specificity mitogen-activated protein kinase kinase 1'
3 non-polymer 'PHOSPHOTHIOPHOSPHORIC ACID-ADENYLATE ESTER'
4 non-polymer 'MAGNESIUM ION'
5 non-polymer 5-[(2-fluoro-4-iodophenyl)amino]-N-(2-hydroxyethoxy)imidazo[1,5-a]pyridine-6-carboxamide
#
loop_
_entity_poly.entity_id
_entity_poly.type
_entity_poly.pdbx_seq_one_letter_code
_entity_poly.pdbx_strand_id
1 'polypeptide(L)'
;MGSSHHHHHHSAVDENLYFQGGMEHIQGAWKTISNGFGFKDAVFDGSSCISPTIVQQFGYQRRASDDGKLTDPSKTSNTI
RVFLPNKQRTVVNVRNGMSLHDCLMKALKVRGLQPECCAVFRLLHEHKGKKARLDWNTDAASLIGEELQVDFLDHVPLTT
HNFARKTFLKLAFCDICRKFLLNGFRCQTCGYKFHEHCSTKVPTMCVDWSNIRQLLLFPNSTIGDSGVPALPSLTMRRMR
ESVSRMPVSSQHRYSTPHAFTFNTSSPSSEGSLSQRQRSTSTPNVHMVSTTLPVDSRMIEDAIRSHSESASPSALSSSPN
NLSPTGWSQPKTPVPAQRERAPVSGTQEKNKIRPRGQRDSSYYWEIEASEVMLSTRIGSGSFGTVYKGKWHGDVAVKILK
VVDPTPEQFQAFRNEVAVLRKTRHVNILLFMGYMTKDNLAIVTQWCEGSSLYKHLHVQETKFQMFQLIDIARQTAQGMDY
LHAKNIIHRDMKSNNIFLHEGLTVKIGDFGLATVKSRWSGSQQVEQPTGSVLWMAPEVIRMQDNNPFSFQSDVYSYGIVL
YELMTGELPYSHINNRDQIIFMVGRGYASPDLSKLYKNCPKAMKRLVAECVKKVKEERPLFPQILSSIELLQHSLPKINR
SASEPSLHRAAHTEDINACTLTTSPRLPVFVPAWSHPQFEK
;
A
2 'polypeptide(L)'
;MGSSHHHHHHSAVDENLYFQGGMPKKKPTPIQLNPAPDGSAVNGTSSAETNLEALQKKLEELELDEQQRKRLEAFLTQKQ
KVGELKDDDFEKISELGAGNGGVVFKVSHKPSGLVMARKLIHLEIKPAIRNQIIRELQVLHECNSPYIVGFYGAFYSDGE
ISICMEHMDGGSLDQVLKKAGRIPEQILGKVSIAVIKGLTYLREKHKIMHRDVKPSNILVNSRGEIKLCDFGVSGQLIDA
MANAFVGTRSYMSPERLQGTHYSVQSDIWSMGLSLVEMAVGRYPIPPPDAKELELMFGCQVEGDAAETPPRPRTPGRPLS
SYGMDSRPPMAIFELLDYIVNEPPPKLPSGVFSLEFQDFVNKCLIKNPAERADLKQLMVHAFIKRSDAEEVDFAGWLCST
IGLNQPSTPTHAAGV
;
B
#
loop_
_chem_comp.id
_chem_comp.type
_chem_comp.name
_chem_comp.formula
AGS non-polymer 'PHOSPHOTHIOPHOSPHORIC ACID-ADENYLATE ESTER' 'C10 H16 N5 O12 P3 S'
LCJ non-polymer 5-[(2-fluoro-4-iodophenyl)amino]-N-(2-hydroxyethoxy)imidazo[1,5-a]pyridine-6-carboxamide 'C16 H14 F I N4 O3'
MG non-polymer 'MAGNESIUM ION' 'Mg 2'
#
# COMPACT_ATOMS: atom_id res chain seq x y z
N TYR A 363 28.39 -5.25 -23.13
CA TYR A 363 27.99 -4.53 -21.92
C TYR A 363 26.61 -3.89 -22.13
N TRP A 364 26.24 -3.00 -21.22
CA TRP A 364 25.02 -2.19 -21.31
C TRP A 364 23.82 -3.13 -21.22
N GLU A 365 22.86 -3.06 -22.14
CA GLU A 365 21.67 -3.91 -22.05
C GLU A 365 22.04 -5.37 -22.28
N ILE A 366 21.24 -6.25 -21.69
CA ILE A 366 21.42 -7.70 -21.83
C ILE A 366 20.44 -8.21 -22.88
N GLU A 367 20.90 -9.11 -23.74
CA GLU A 367 20.01 -9.74 -24.71
C GLU A 367 19.08 -10.71 -24.00
N ALA A 368 17.77 -10.50 -24.16
CA ALA A 368 16.79 -11.32 -23.47
C ALA A 368 16.84 -12.78 -23.88
N SER A 369 17.34 -13.08 -25.08
CA SER A 369 17.47 -14.46 -25.50
C SER A 369 18.43 -15.22 -24.60
N GLU A 370 19.43 -14.53 -24.04
CA GLU A 370 20.38 -15.17 -23.16
C GLU A 370 19.79 -15.53 -21.81
N VAL A 371 18.93 -14.69 -21.26
CA VAL A 371 18.33 -14.91 -19.95
C VAL A 371 17.13 -15.82 -20.09
N MET A 372 16.83 -16.58 -19.05
CA MET A 372 15.67 -17.45 -19.02
C MET A 372 14.91 -17.21 -17.73
N LEU A 373 13.63 -16.89 -17.84
CA LEU A 373 12.82 -16.60 -16.67
C LEU A 373 12.25 -17.90 -16.08
N SER A 374 12.63 -18.20 -14.85
CA SER A 374 12.12 -19.35 -14.11
C SER A 374 10.89 -18.93 -13.30
N THR A 375 10.55 -19.71 -12.28
CA THR A 375 9.36 -19.45 -11.47
C THR A 375 9.38 -18.04 -10.90
N ARG A 376 8.22 -17.39 -10.92
CA ARG A 376 8.09 -16.06 -10.34
C ARG A 376 8.14 -16.15 -8.82
N ILE A 377 8.78 -15.16 -8.20
CA ILE A 377 8.98 -15.14 -6.75
C ILE A 377 8.00 -14.20 -6.07
N GLY A 378 7.85 -12.99 -6.59
CA GLY A 378 6.93 -12.04 -5.98
C GLY A 378 7.08 -10.68 -6.60
N SER A 379 6.30 -9.74 -6.07
CA SER A 379 6.29 -8.37 -6.55
C SER A 379 6.52 -7.42 -5.38
N GLY A 380 6.92 -6.20 -5.73
CA GLY A 380 7.21 -5.20 -4.72
C GLY A 380 6.67 -3.82 -5.07
N SER A 381 7.39 -2.78 -4.67
CA SER A 381 6.92 -1.42 -4.87
C SER A 381 7.02 -0.97 -6.31
N PHE A 382 7.96 -1.52 -7.09
CA PHE A 382 8.18 -1.02 -8.42
C PHE A 382 8.40 -2.10 -9.47
N GLY A 383 8.32 -3.38 -9.11
CA GLY A 383 8.52 -4.42 -10.10
C GLY A 383 8.18 -5.79 -9.54
N THR A 384 8.21 -6.77 -10.42
CA THR A 384 7.95 -8.16 -10.09
C THR A 384 9.20 -8.98 -10.35
N VAL A 385 9.64 -9.75 -9.36
CA VAL A 385 10.91 -10.45 -9.39
C VAL A 385 10.71 -11.83 -10.00
N TYR A 386 11.49 -12.14 -11.02
CA TYR A 386 11.56 -13.48 -11.60
C TYR A 386 12.94 -14.05 -11.39
N LYS A 387 13.01 -15.37 -11.21
CA LYS A 387 14.30 -16.04 -11.08
C LYS A 387 14.85 -16.32 -12.48
N GLY A 388 16.10 -15.97 -12.71
CA GLY A 388 16.72 -16.13 -14.01
C GLY A 388 17.82 -17.18 -14.02
N LYS A 389 18.42 -17.35 -15.21
CA LYS A 389 19.53 -18.28 -15.38
C LYS A 389 20.58 -17.74 -16.35
N TRP A 390 20.83 -16.44 -16.37
CA TRP A 390 21.79 -15.85 -17.30
C TRP A 390 23.20 -15.93 -16.72
N HIS A 391 24.07 -16.71 -17.35
CA HIS A 391 25.44 -16.93 -16.88
C HIS A 391 25.45 -17.36 -15.43
N GLY A 392 24.53 -18.26 -15.08
CA GLY A 392 24.31 -18.62 -13.69
C GLY A 392 23.05 -18.00 -13.15
N ASP A 393 22.77 -18.33 -11.89
CA ASP A 393 21.54 -17.90 -11.26
C ASP A 393 21.52 -16.40 -11.04
N VAL A 394 20.47 -15.74 -11.56
CA VAL A 394 20.29 -14.30 -11.42
C VAL A 394 18.83 -14.04 -11.03
N ALA A 395 18.56 -12.80 -10.66
CA ALA A 395 17.22 -12.34 -10.34
C ALA A 395 16.82 -11.26 -11.34
N VAL A 396 15.65 -11.42 -11.94
CA VAL A 396 15.14 -10.48 -12.93
C VAL A 396 13.88 -9.83 -12.36
N LYS A 397 13.84 -8.51 -12.39
CA LYS A 397 12.68 -7.75 -11.95
C LYS A 397 12.09 -7.02 -13.14
N ILE A 398 10.87 -7.37 -13.52
CA ILE A 398 10.17 -6.68 -14.60
C ILE A 398 9.58 -5.41 -14.02
N LEU A 399 10.01 -4.26 -14.54
CA LEU A 399 9.61 -2.99 -13.99
C LEU A 399 8.20 -2.62 -14.40
N LYS A 400 7.45 -2.03 -13.48
CA LYS A 400 6.04 -1.74 -13.73
C LYS A 400 5.86 -0.68 -14.81
N VAL A 401 6.89 0.13 -15.07
CA VAL A 401 6.80 1.19 -16.06
C VAL A 401 6.50 0.57 -17.43
N VAL A 402 5.40 0.99 -18.04
CA VAL A 402 4.96 0.41 -19.30
C VAL A 402 5.63 1.09 -20.49
N ASP A 403 5.63 2.42 -20.50
CA ASP A 403 6.17 3.21 -21.60
C ASP A 403 7.19 4.18 -21.02
N PRO A 404 8.41 3.72 -20.75
CA PRO A 404 9.45 4.61 -20.23
C PRO A 404 9.75 5.76 -21.19
N THR A 405 9.66 6.97 -20.68
CA THR A 405 9.98 8.14 -21.48
C THR A 405 11.45 8.09 -21.89
N PRO A 406 11.79 8.56 -23.11
CA PRO A 406 13.20 8.55 -23.53
C PRO A 406 14.12 9.23 -22.53
N GLU A 407 13.66 10.33 -21.94
CA GLU A 407 14.42 10.95 -20.85
C GLU A 407 14.48 10.02 -19.65
N GLN A 408 13.36 9.40 -19.29
CA GLN A 408 13.35 8.44 -18.19
C GLN A 408 14.22 7.24 -18.50
N PHE A 409 14.16 6.74 -19.74
CA PHE A 409 14.97 5.59 -20.10
C PHE A 409 16.45 5.92 -20.06
N GLN A 410 16.83 7.11 -20.51
CA GLN A 410 18.24 7.50 -20.47
C GLN A 410 18.73 7.67 -19.04
N ALA A 411 17.90 8.26 -18.18
CA ALA A 411 18.27 8.38 -16.77
C ALA A 411 18.39 7.00 -16.13
N PHE A 412 17.49 6.08 -16.49
CA PHE A 412 17.57 4.71 -16.00
C PHE A 412 18.85 4.04 -16.47
N ARG A 413 19.28 4.32 -17.71
CA ARG A 413 20.49 3.67 -18.25
C ARG A 413 21.73 4.25 -17.53
N ASN A 414 21.71 5.54 -17.19
CA ASN A 414 22.80 6.13 -16.42
C ASN A 414 22.87 5.52 -15.02
N GLU A 415 21.71 5.40 -14.38
CA GLU A 415 21.67 4.75 -13.04
C GLU A 415 22.19 3.32 -13.18
N VAL A 416 21.81 2.63 -14.26
CA VAL A 416 22.23 1.25 -14.46
C VAL A 416 23.75 1.17 -14.52
N ALA A 417 24.37 2.09 -15.26
CA ALA A 417 25.83 2.10 -15.33
C ALA A 417 26.44 2.34 -13.96
N VAL A 418 25.91 3.31 -13.23
CA VAL A 418 26.43 3.62 -11.90
C VAL A 418 26.31 2.41 -10.99
N LEU A 419 25.15 1.73 -11.01
CA LEU A 419 24.96 0.58 -10.15
C LEU A 419 25.80 -0.61 -10.60
N ARG A 420 26.07 -0.72 -11.89
CA ARG A 420 26.97 -1.77 -12.37
C ARG A 420 28.37 -1.60 -11.81
N LYS A 421 28.84 -0.36 -11.75
CA LYS A 421 30.21 -0.11 -11.27
C LYS A 421 30.41 -0.59 -9.83
N THR A 422 29.34 -0.59 -9.02
CA THR A 422 29.47 -0.90 -7.60
C THR A 422 29.85 -2.36 -7.38
N ARG A 423 30.66 -2.58 -6.33
CA ARG A 423 31.14 -3.94 -6.00
C ARG A 423 31.53 -4.02 -4.52
N HIS A 424 30.60 -4.44 -3.65
CA HIS A 424 30.89 -4.60 -2.23
C HIS A 424 30.34 -5.94 -1.75
N VAL A 425 30.97 -6.47 -0.70
CA VAL A 425 30.60 -7.81 -0.23
C VAL A 425 29.17 -7.83 0.28
N ASN A 426 28.71 -6.73 0.86
CA ASN A 426 27.40 -6.66 1.50
C ASN A 426 26.31 -6.12 0.59
N ILE A 427 26.61 -5.87 -0.68
CA ILE A 427 25.60 -5.44 -1.64
C ILE A 427 25.57 -6.42 -2.80
N LEU A 428 24.37 -6.70 -3.29
CA LEU A 428 24.17 -7.61 -4.40
C LEU A 428 24.57 -6.95 -5.72
N LEU A 429 25.11 -7.77 -6.63
CA LEU A 429 25.57 -7.27 -7.92
C LEU A 429 24.40 -6.84 -8.78
N PHE A 430 24.60 -5.76 -9.53
CA PHE A 430 23.61 -5.26 -10.48
C PHE A 430 24.12 -5.61 -11.87
N MET A 431 23.66 -6.74 -12.41
CA MET A 431 24.21 -7.25 -13.67
C MET A 431 23.92 -6.30 -14.82
N GLY A 432 22.69 -5.80 -14.91
CA GLY A 432 22.31 -4.94 -16.00
C GLY A 432 20.81 -5.00 -16.22
N TYR A 433 20.39 -4.49 -17.38
CA TYR A 433 18.99 -4.40 -17.73
C TYR A 433 18.75 -5.04 -19.09
N MET A 434 17.48 -5.18 -19.44
CA MET A 434 17.08 -5.69 -20.75
C MET A 434 15.78 -5.02 -21.16
N THR A 435 15.75 -4.47 -22.38
CA THR A 435 14.59 -3.77 -22.89
C THR A 435 13.69 -4.63 -23.75
N LYS A 436 14.00 -5.92 -23.90
CA LYS A 436 13.19 -6.79 -24.74
C LYS A 436 12.02 -7.39 -23.96
N ASP A 437 12.29 -7.97 -22.79
CA ASP A 437 11.23 -8.47 -21.91
C ASP A 437 10.66 -7.29 -21.13
N ASN A 438 9.93 -6.46 -21.90
CA ASN A 438 9.44 -5.18 -21.33
C ASN A 438 10.70 -4.50 -20.80
N LEU A 439 10.57 -3.76 -19.72
CA LEU A 439 11.73 -3.19 -19.06
C LEU A 439 12.03 -4.03 -17.83
N ALA A 440 13.26 -4.50 -17.70
CA ALA A 440 13.63 -5.37 -16.59
C ALA A 440 15.06 -5.05 -16.16
N ILE A 441 15.36 -5.39 -14.90
CA ILE A 441 16.70 -5.26 -14.36
C ILE A 441 17.14 -6.62 -13.85
N VAL A 442 18.36 -7.00 -14.23
CA VAL A 442 18.95 -8.27 -13.80
C VAL A 442 19.95 -7.96 -12.70
N THR A 443 19.81 -8.65 -11.57
CA THR A 443 20.71 -8.48 -10.44
C THR A 443 21.19 -9.84 -9.97
N GLN A 444 22.08 -9.82 -8.99
CA GLN A 444 22.55 -11.06 -8.39
C GLN A 444 21.41 -11.76 -7.64
N TRP A 445 21.32 -13.08 -7.81
CA TRP A 445 20.35 -13.86 -7.08
C TRP A 445 20.92 -14.24 -5.71
N CYS A 446 20.11 -14.10 -4.68
CA CYS A 446 20.50 -14.51 -3.34
C CYS A 446 19.63 -15.70 -2.93
N GLU A 447 20.29 -16.84 -2.65
CA GLU A 447 19.55 -18.01 -2.19
C GLU A 447 19.08 -17.85 -0.75
N GLY A 448 19.80 -17.06 0.05
CA GLY A 448 19.40 -16.89 1.43
C GLY A 448 18.10 -16.11 1.55
N SER A 449 17.41 -16.32 2.67
CA SER A 449 16.15 -15.64 2.90
C SER A 449 16.38 -14.16 3.20
N SER A 450 15.32 -13.37 3.04
CA SER A 450 15.39 -11.96 3.33
C SER A 450 15.43 -11.73 4.84
N LEU A 451 15.85 -10.52 5.24
CA LEU A 451 15.88 -10.20 6.65
C LEU A 451 14.46 -10.09 7.22
N TYR A 452 13.53 -9.55 6.42
CA TYR A 452 12.15 -9.45 6.86
C TYR A 452 11.57 -10.82 7.17
N LYS A 453 11.80 -11.80 6.29
CA LYS A 453 11.28 -13.13 6.53
C LYS A 453 11.92 -13.75 7.77
N HIS A 454 13.22 -13.52 7.95
CA HIS A 454 13.91 -14.05 9.14
C HIS A 454 13.31 -13.49 10.42
N LEU A 455 13.15 -12.17 10.50
CA LEU A 455 12.67 -11.54 11.73
C LEU A 455 11.19 -11.82 11.97
N HIS A 456 10.37 -11.61 10.95
CA HIS A 456 8.93 -11.57 11.14
C HIS A 456 8.26 -12.85 10.67
N VAL A 457 8.43 -13.20 9.39
CA VAL A 457 7.73 -14.37 8.85
C VAL A 457 8.25 -15.65 9.51
N GLN A 458 9.57 -15.83 9.54
CA GLN A 458 10.13 -17.06 10.09
C GLN A 458 10.45 -16.96 11.58
N GLU A 459 10.50 -15.75 12.14
CA GLU A 459 10.82 -15.54 13.55
C GLU A 459 12.12 -16.25 13.91
N THR A 460 13.17 -15.99 13.13
CA THR A 460 14.47 -16.57 13.39
C THR A 460 15.01 -16.07 14.73
N LYS A 461 15.45 -17.01 15.57
CA LYS A 461 16.01 -16.65 16.86
C LYS A 461 17.49 -16.31 16.68
N PHE A 462 17.80 -15.02 16.62
CA PHE A 462 19.16 -14.55 16.52
C PHE A 462 19.68 -14.25 17.92
N GLN A 463 20.94 -14.57 18.17
CA GLN A 463 21.60 -14.10 19.37
C GLN A 463 21.90 -12.61 19.24
N MET A 464 22.22 -11.98 20.37
CA MET A 464 22.48 -10.54 20.36
C MET A 464 23.67 -10.20 19.48
N PHE A 465 24.74 -11.00 19.55
CA PHE A 465 25.92 -10.70 18.74
C PHE A 465 25.64 -10.90 17.27
N GLN A 466 24.79 -11.86 16.90
CA GLN A 466 24.39 -12.01 15.51
C GLN A 466 23.60 -10.80 15.03
N LEU A 467 22.71 -10.28 15.90
CA LEU A 467 21.97 -9.07 15.55
C LEU A 467 22.90 -7.89 15.36
N ILE A 468 23.90 -7.75 16.24
CA ILE A 468 24.87 -6.67 16.10
C ILE A 468 25.68 -6.84 14.83
N ASP A 469 26.02 -8.08 14.48
CA ASP A 469 26.76 -8.33 13.24
C ASP A 469 25.93 -7.95 12.02
N ILE A 470 24.65 -8.30 12.02
CA ILE A 470 23.77 -7.92 10.92
C ILE A 470 23.69 -6.40 10.81
N ALA A 471 23.56 -5.73 11.95
CA ALA A 471 23.55 -4.27 11.94
C ALA A 471 24.85 -3.70 11.38
N ARG A 472 25.98 -4.27 11.79
CA ARG A 472 27.28 -3.78 11.36
C ARG A 472 27.49 -4.01 9.86
N GLN A 473 27.10 -5.18 9.36
CA GLN A 473 27.26 -5.45 7.94
C GLN A 473 26.32 -4.62 7.09
N THR A 474 25.09 -4.40 7.57
CA THR A 474 24.20 -3.48 6.87
C THR A 474 24.79 -2.08 6.85
N ALA A 475 25.38 -1.65 7.96
CA ALA A 475 26.05 -0.36 7.99
C ALA A 475 27.22 -0.31 7.02
N GLN A 476 27.97 -1.43 6.94
CA GLN A 476 29.12 -1.50 6.00
C GLN A 476 28.61 -1.29 4.56
N GLY A 477 27.58 -2.05 4.17
CA GLY A 477 27.05 -1.94 2.83
C GLY A 477 26.49 -0.57 2.54
N MET A 478 25.75 0.01 3.50
CA MET A 478 25.17 1.33 3.30
C MET A 478 26.25 2.40 3.25
N ASP A 479 27.33 2.24 4.03
CA ASP A 479 28.44 3.16 3.97
C ASP A 479 29.13 3.09 2.62
N TYR A 480 29.30 1.89 2.07
CA TYR A 480 29.84 1.77 0.72
C TYR A 480 28.94 2.48 -0.28
N LEU A 481 27.63 2.28 -0.16
CA LEU A 481 26.70 2.90 -1.10
C LEU A 481 26.76 4.42 -1.01
N HIS A 482 26.82 4.96 0.21
CA HIS A 482 26.84 6.41 0.37
C HIS A 482 28.19 7.00 -0.03
N ALA A 483 29.27 6.24 0.14
CA ALA A 483 30.56 6.70 -0.35
C ALA A 483 30.57 6.83 -1.87
N LYS A 484 29.72 6.07 -2.56
CA LYS A 484 29.55 6.14 -4.00
C LYS A 484 28.47 7.13 -4.40
N ASN A 485 27.96 7.91 -3.45
CA ASN A 485 26.85 8.84 -3.68
C ASN A 485 25.63 8.10 -4.20
N ILE A 486 25.33 6.96 -3.59
CA ILE A 486 24.16 6.16 -3.92
C ILE A 486 23.25 6.17 -2.71
N ILE A 487 22.09 6.80 -2.85
CA ILE A 487 21.10 6.85 -1.79
C ILE A 487 20.19 5.64 -1.96
N HIS A 488 20.37 4.63 -1.12
CA HIS A 488 19.53 3.44 -1.14
C HIS A 488 18.17 3.81 -0.56
N ARG A 489 17.36 4.47 -1.39
CA ARG A 489 15.97 4.66 -1.02
C ARG A 489 15.27 3.30 -0.99
N ASP A 490 14.11 3.27 -0.35
CA ASP A 490 13.39 2.01 -0.13
C ASP A 490 14.26 1.02 0.65
N MET A 491 15.01 1.55 1.62
CA MET A 491 15.81 0.73 2.51
C MET A 491 14.94 0.15 3.60
N LYS A 492 14.92 -1.17 3.73
CA LYS A 492 14.05 -1.84 4.69
C LYS A 492 14.55 -3.25 4.91
N SER A 493 13.87 -3.98 5.79
CA SER A 493 14.22 -5.37 6.05
C SER A 493 13.94 -6.27 4.87
N ASN A 494 13.05 -5.85 3.97
CA ASN A 494 12.76 -6.63 2.77
C ASN A 494 13.95 -6.66 1.83
N ASN A 495 14.69 -5.56 1.75
CA ASN A 495 15.80 -5.41 0.82
C ASN A 495 17.13 -5.89 1.39
N ILE A 496 17.11 -6.59 2.51
CA ILE A 496 18.30 -7.15 3.12
C ILE A 496 18.15 -8.67 3.12
N PHE A 497 19.15 -9.36 2.57
CA PHE A 497 19.17 -10.81 2.48
C PHE A 497 20.34 -11.34 3.29
N LEU A 498 20.10 -12.43 4.02
CA LEU A 498 21.15 -13.07 4.82
C LEU A 498 21.77 -14.21 4.02
N HIS A 499 22.66 -13.83 3.11
CA HIS A 499 23.34 -14.78 2.26
C HIS A 499 24.29 -15.65 3.09
N GLU A 500 24.39 -16.91 2.70
CA GLU A 500 25.31 -17.86 3.32
C GLU A 500 25.08 -17.93 4.84
N GLY A 501 23.83 -17.79 5.25
CA GLY A 501 23.50 -17.82 6.65
C GLY A 501 23.46 -16.47 7.33
N LEU A 502 24.58 -15.74 7.34
CA LEU A 502 24.66 -14.51 8.10
C LEU A 502 25.22 -13.32 7.35
N THR A 503 25.90 -13.53 6.23
CA THR A 503 26.41 -12.40 5.44
C THR A 503 25.25 -11.57 4.92
N VAL A 504 25.32 -10.27 5.15
CA VAL A 504 24.25 -9.36 4.75
C VAL A 504 24.42 -9.00 3.29
N LYS A 505 23.31 -8.94 2.56
CA LYS A 505 23.30 -8.53 1.16
C LYS A 505 22.21 -7.49 0.97
N ILE A 506 22.60 -6.27 0.64
CA ILE A 506 21.66 -5.18 0.40
C ILE A 506 21.31 -5.16 -1.09
N GLY A 507 20.01 -5.16 -1.39
CA GLY A 507 19.56 -5.08 -2.76
C GLY A 507 18.54 -3.97 -2.94
N ASP A 508 18.17 -3.75 -4.19
CA ASP A 508 17.12 -2.79 -4.56
C ASP A 508 17.48 -1.37 -4.13
N PHE A 509 18.74 -1.01 -4.30
CA PHE A 509 19.21 0.33 -3.98
C PHE A 509 19.20 1.22 -5.22
N GLY A 510 19.10 2.52 -4.98
CA GLY A 510 19.06 3.48 -6.08
C GLY A 510 17.79 3.35 -6.87
N LEU A 511 17.91 3.39 -8.20
CA LEU A 511 16.80 3.19 -9.12
C LEU A 511 15.66 4.18 -8.86
N ALA A 512 16.03 5.42 -8.55
CA ALA A 512 15.02 6.45 -8.33
C ALA A 512 14.23 6.75 -9.59
N THR A 513 14.87 6.62 -10.76
CA THR A 513 14.20 6.96 -12.01
C THR A 513 13.17 5.91 -12.39
N VAL A 514 13.28 4.70 -11.84
CA VAL A 514 12.33 3.64 -12.17
C VAL A 514 11.33 3.41 -11.05
N LYS A 515 11.76 3.52 -9.78
CA LYS A 515 10.82 3.41 -8.67
C LYS A 515 9.75 4.49 -8.74
N SER A 516 10.14 5.68 -9.17
CA SER A 516 9.18 6.81 -9.22
C SER A 516 8.53 6.88 -10.60
N ARG A 517 7.21 7.03 -10.66
CA ARG A 517 6.53 7.19 -11.97
C ARG A 517 7.00 8.51 -12.56
N TRP A 518 6.85 8.68 -13.88
CA TRP A 518 7.35 9.91 -14.53
C TRP A 518 6.22 10.63 -15.26
N SER A 519 6.00 11.91 -14.93
CA SER A 519 4.99 12.70 -15.67
C SER A 519 5.61 13.14 -16.99
N GLY A 520 5.98 12.18 -17.84
CA GLY A 520 6.67 12.52 -19.10
C GLY A 520 8.15 12.76 -18.86
N SER A 521 8.62 13.99 -19.12
CA SER A 521 10.05 14.33 -18.92
C SER A 521 10.27 14.77 -17.48
N GLN A 522 9.24 14.67 -16.64
CA GLN A 522 9.34 15.12 -15.23
C GLN A 522 9.11 13.94 -14.29
N GLN A 523 10.05 13.65 -13.40
CA GLN A 523 9.83 12.59 -12.39
C GLN A 523 8.69 13.07 -11.49
N VAL A 524 7.74 12.19 -11.16
CA VAL A 524 6.54 12.65 -10.38
C VAL A 524 7.03 13.33 -9.10
N GLU A 525 8.22 12.95 -8.61
CA GLU A 525 8.80 13.58 -7.39
C GLU A 525 7.82 13.40 -6.23
N GLN A 526 7.19 12.23 -6.13
CA GLN A 526 6.30 11.93 -4.97
C GLN A 526 6.87 10.68 -4.30
N PRO A 527 6.56 10.39 -3.02
CA PRO A 527 7.18 9.27 -2.32
C PRO A 527 6.63 7.94 -2.80
N THR A 528 7.40 6.88 -2.53
CA THR A 528 6.99 5.54 -2.86
C THR A 528 7.69 4.56 -1.92
N GLY A 529 7.13 3.36 -1.82
CA GLY A 529 7.70 2.34 -0.97
C GLY A 529 7.00 2.25 0.38
N SER A 530 7.54 1.36 1.21
CA SER A 530 6.94 1.08 2.50
C SER A 530 7.04 2.29 3.43
N VAL A 531 5.94 2.55 4.16
CA VAL A 531 5.88 3.71 5.04
C VAL A 531 6.44 3.42 6.44
N LEU A 532 6.55 2.15 6.83
CA LEU A 532 7.09 1.85 8.15
C LEU A 532 8.55 2.28 8.27
N TRP A 533 9.28 2.24 7.17
CA TRP A 533 10.69 2.63 7.16
C TRP A 533 10.90 4.04 6.61
N MET A 534 9.85 4.70 6.14
CA MET A 534 10.01 5.99 5.47
C MET A 534 10.35 7.09 6.48
N ALA A 535 11.35 7.90 6.16
CA ALA A 535 11.71 9.00 7.04
C ALA A 535 10.63 10.08 7.00
N PRO A 536 10.40 10.77 8.12
CA PRO A 536 9.32 11.78 8.13
C PRO A 536 9.48 12.89 7.11
N GLU A 537 10.72 13.35 6.86
CA GLU A 537 10.91 14.47 5.94
C GLU A 537 10.53 14.09 4.51
N VAL A 538 10.68 12.82 4.15
CA VAL A 538 10.29 12.38 2.81
C VAL A 538 8.83 11.92 2.77
N ILE A 539 8.24 11.59 3.92
CA ILE A 539 6.79 11.45 3.98
C ILE A 539 6.12 12.79 3.70
N ARG A 540 6.63 13.86 4.31
CA ARG A 540 6.01 15.16 4.14
C ARG A 540 6.21 15.68 2.72
N MET A 541 7.34 15.37 2.10
CA MET A 541 7.68 15.86 0.77
C MET A 541 7.67 17.38 0.71
N GLN A 542 8.11 18.02 1.79
CA GLN A 542 8.19 19.47 1.82
C GLN A 542 9.25 20.02 0.88
N ASP A 543 10.17 19.18 0.41
CA ASP A 543 11.20 19.57 -0.54
C ASP A 543 11.13 18.65 -1.75
N ASN A 544 11.55 19.16 -2.90
CA ASN A 544 11.52 18.36 -4.12
C ASN A 544 12.46 17.16 -4.01
N ASN A 545 13.53 17.28 -3.23
CA ASN A 545 14.53 16.24 -3.05
C ASN A 545 14.67 15.94 -1.57
N PRO A 546 13.75 15.18 -1.00
CA PRO A 546 13.83 14.81 0.42
C PRO A 546 14.64 13.55 0.71
N PHE A 547 15.08 12.83 -0.32
CA PHE A 547 15.90 11.64 -0.14
C PHE A 547 17.35 12.06 0.03
N SER A 548 18.00 11.54 1.06
CA SER A 548 19.39 11.88 1.33
C SER A 548 20.02 10.73 2.11
N PHE A 549 21.25 10.93 2.56
CA PHE A 549 21.89 9.94 3.40
C PHE A 549 21.16 9.80 4.73
N GLN A 550 20.61 10.89 5.26
CA GLN A 550 19.93 10.84 6.55
C GLN A 550 18.61 10.08 6.47
N SER A 551 17.89 10.17 5.34
CA SER A 551 16.70 9.37 5.18
C SER A 551 17.03 7.88 5.17
N ASP A 552 18.12 7.52 4.50
CA ASP A 552 18.60 6.14 4.55
C ASP A 552 19.01 5.76 5.97
N VAL A 553 19.56 6.70 6.73
CA VAL A 553 19.94 6.40 8.10
C VAL A 553 18.69 6.18 8.95
N TYR A 554 17.62 6.94 8.72
CA TYR A 554 16.38 6.70 9.45
C TYR A 554 15.79 5.34 9.10
N SER A 555 15.80 4.98 7.81
CA SER A 555 15.33 3.65 7.42
C SER A 555 16.19 2.58 8.08
N TYR A 556 17.51 2.80 8.13
CA TYR A 556 18.40 1.87 8.81
C TYR A 556 18.08 1.79 10.29
N GLY A 557 17.69 2.91 10.90
CA GLY A 557 17.29 2.89 12.30
C GLY A 557 16.03 2.09 12.52
N ILE A 558 15.09 2.16 11.57
CA ILE A 558 13.90 1.33 11.65
C ILE A 558 14.28 -0.15 11.54
N VAL A 559 15.24 -0.46 10.67
CA VAL A 559 15.74 -1.83 10.57
C VAL A 559 16.39 -2.26 11.88
N LEU A 560 17.13 -1.34 12.51
CA LEU A 560 17.72 -1.62 13.82
C LEU A 560 16.64 -1.87 14.86
N TYR A 561 15.55 -1.10 14.80
CA TYR A 561 14.43 -1.32 15.70
C TYR A 561 13.83 -2.71 15.51
N GLU A 562 13.69 -3.12 14.26
CA GLU A 562 13.19 -4.48 13.99
C GLU A 562 14.14 -5.53 14.53
N LEU A 563 15.45 -5.33 14.35
CA LEU A 563 16.41 -6.28 14.87
C LEU A 563 16.38 -6.36 16.39
N MET A 564 16.26 -5.21 17.06
CA MET A 564 16.36 -5.13 18.50
C MET A 564 15.00 -5.22 19.19
N THR A 565 13.93 -5.45 18.44
CA THR A 565 12.61 -5.70 18.99
C THR A 565 11.98 -6.98 18.47
N GLY A 566 12.30 -7.39 17.25
CA GLY A 566 11.63 -8.52 16.63
C GLY A 566 10.28 -8.19 16.05
N GLU A 567 9.90 -6.93 16.01
CA GLU A 567 8.58 -6.53 15.55
C GLU A 567 8.69 -5.24 14.74
N LEU A 568 7.68 -5.00 13.93
CA LEU A 568 7.58 -3.78 13.15
C LEU A 568 7.15 -2.62 14.03
N PRO A 569 7.56 -1.40 13.69
CA PRO A 569 7.13 -0.23 14.48
C PRO A 569 5.66 0.08 14.27
N TYR A 570 5.11 0.82 15.24
CA TYR A 570 3.72 1.27 15.19
C TYR A 570 2.76 0.09 15.12
N SER A 571 3.01 -0.92 15.95
CA SER A 571 2.12 -2.08 16.00
C SER A 571 0.75 -1.71 16.54
N HIS A 572 0.63 -0.57 17.23
CA HIS A 572 -0.66 -0.13 17.74
C HIS A 572 -1.49 0.61 16.69
N ILE A 573 -0.90 0.94 15.55
CA ILE A 573 -1.62 1.61 14.47
C ILE A 573 -1.83 0.61 13.34
N ASN A 574 -3.10 0.37 12.99
CA ASN A 574 -3.44 -0.61 11.97
C ASN A 574 -3.96 0.02 10.69
N ASN A 575 -3.65 1.29 10.46
CA ASN A 575 -4.02 1.95 9.23
C ASN A 575 -2.80 2.61 8.61
N ARG A 576 -2.65 2.49 7.30
CA ARG A 576 -1.49 3.07 6.64
C ARG A 576 -1.57 4.59 6.60
N ASP A 577 -2.77 5.14 6.37
CA ASP A 577 -2.91 6.60 6.33
C ASP A 577 -2.70 7.22 7.71
N GLN A 578 -3.17 6.54 8.76
CA GLN A 578 -2.91 7.02 10.12
C GLN A 578 -1.41 7.02 10.40
N ILE A 579 -0.71 5.97 10.00
CA ILE A 579 0.74 5.93 10.16
C ILE A 579 1.39 7.08 9.42
N ILE A 580 0.98 7.29 8.16
CA ILE A 580 1.59 8.37 7.37
C ILE A 580 1.40 9.70 8.06
N PHE A 581 0.16 10.01 8.46
CA PHE A 581 -0.14 11.30 9.06
C PHE A 581 0.61 11.48 10.38
N MET A 582 0.61 10.46 11.22
CA MET A 582 1.18 10.61 12.56
C MET A 582 2.69 10.65 12.52
N VAL A 583 3.32 9.92 11.59
CA VAL A 583 4.77 10.01 11.45
C VAL A 583 5.17 11.35 10.84
N GLY A 584 4.43 11.80 9.82
CA GLY A 584 4.77 13.08 9.22
C GLY A 584 4.56 14.26 10.14
N ARG A 585 3.54 14.18 10.99
CA ARG A 585 3.28 15.25 11.95
C ARG A 585 4.13 15.14 13.19
N GLY A 586 4.91 14.08 13.34
CA GLY A 586 5.72 13.90 14.52
C GLY A 586 4.99 13.34 15.71
N TYR A 587 3.73 12.98 15.55
CA TYR A 587 2.96 12.43 16.67
C TYR A 587 3.31 10.99 16.96
N ALA A 588 3.89 10.27 16.00
CA ALA A 588 4.23 8.87 16.17
C ALA A 588 5.72 8.65 15.92
N SER A 589 6.35 7.92 16.82
CA SER A 589 7.73 7.48 16.68
C SER A 589 7.83 6.07 17.25
N PRO A 590 8.78 5.27 16.76
CA PRO A 590 8.95 3.92 17.32
C PRO A 590 9.40 4.00 18.78
N ASP A 591 8.55 3.51 19.67
CA ASP A 591 8.87 3.56 21.09
C ASP A 591 9.97 2.56 21.40
N LEU A 592 10.96 3.02 22.16
CA LEU A 592 12.15 2.23 22.44
C LEU A 592 12.03 1.38 23.69
N SER A 593 10.88 1.39 24.35
CA SER A 593 10.64 0.45 25.43
C SER A 593 10.51 -0.97 24.91
N LYS A 594 10.32 -1.14 23.60
CA LYS A 594 10.18 -2.45 22.98
C LYS A 594 11.51 -3.16 22.80
N LEU A 595 12.63 -2.44 22.90
CA LEU A 595 13.93 -3.04 22.68
C LEU A 595 14.21 -4.10 23.73
N TYR A 596 14.99 -5.12 23.34
CA TYR A 596 15.30 -6.21 24.25
C TYR A 596 16.09 -5.70 25.44
N LYS A 597 15.88 -6.34 26.59
CA LYS A 597 16.61 -5.93 27.79
C LYS A 597 18.09 -6.24 27.69
N ASN A 598 18.46 -7.31 26.98
CA ASN A 598 19.87 -7.65 26.83
C ASN A 598 20.56 -6.83 25.76
N CYS A 599 19.84 -5.97 25.05
CA CYS A 599 20.45 -5.07 24.09
C CYS A 599 21.37 -4.10 24.82
N PRO A 600 22.63 -3.94 24.38
CA PRO A 600 23.53 -3.01 25.07
C PRO A 600 23.02 -1.58 24.99
N LYS A 601 23.34 -0.82 26.04
CA LYS A 601 22.78 0.52 26.19
C LYS A 601 23.24 1.44 25.06
N ALA A 602 24.47 1.27 24.58
CA ALA A 602 24.94 2.09 23.49
C ALA A 602 24.30 1.71 22.17
N MET A 603 23.90 0.44 22.01
CA MET A 603 23.08 0.07 20.86
C MET A 603 21.73 0.75 20.90
N LYS A 604 21.11 0.82 22.09
CA LYS A 604 19.87 1.56 22.24
C LYS A 604 20.07 3.03 21.90
N ARG A 605 21.20 3.61 22.34
CA ARG A 605 21.47 5.01 22.02
C ARG A 605 21.62 5.20 20.53
N LEU A 606 22.28 4.26 19.84
CA LEU A 606 22.45 4.36 18.40
C LEU A 606 21.10 4.28 17.68
N VAL A 607 20.24 3.34 18.07
CA VAL A 607 18.95 3.23 17.38
C VAL A 607 18.09 4.46 17.69
N ALA A 608 18.19 5.01 18.90
CA ALA A 608 17.50 6.26 19.20
C ALA A 608 18.01 7.39 18.31
N GLU A 609 19.33 7.46 18.13
CA GLU A 609 19.94 8.54 17.35
C GLU A 609 19.63 8.42 15.87
N CYS A 610 19.45 7.19 15.37
CA CYS A 610 19.19 7.00 13.95
C CYS A 610 17.76 7.34 13.57
N VAL A 611 16.80 7.15 14.49
CA VAL A 611 15.40 7.40 14.21
C VAL A 611 14.96 8.78 14.67
N LYS A 612 15.90 9.69 14.90
CA LYS A 612 15.57 11.02 15.35
C LYS A 612 14.73 11.76 14.30
N LYS A 613 13.72 12.50 14.78
CA LYS A 613 12.81 13.19 13.87
C LYS A 613 13.54 14.23 13.05
N VAL A 614 14.46 14.99 13.67
CA VAL A 614 15.24 15.98 12.95
C VAL A 614 16.21 15.28 12.03
N LYS A 615 16.24 15.70 10.76
CA LYS A 615 17.09 15.06 9.77
C LYS A 615 18.56 15.24 10.11
N GLU A 616 18.99 16.47 10.39
CA GLU A 616 20.40 16.73 10.59
C GLU A 616 20.92 16.11 11.88
N GLU A 617 20.02 15.74 12.79
CA GLU A 617 20.42 15.10 14.03
C GLU A 617 20.86 13.65 13.84
N ARG A 618 20.46 13.02 12.75
CA ARG A 618 20.81 11.62 12.55
C ARG A 618 22.27 11.49 12.17
N PRO A 619 22.98 10.49 12.71
CA PRO A 619 24.38 10.31 12.34
C PRO A 619 24.52 9.81 10.92
N LEU A 620 25.71 9.99 10.35
CA LEU A 620 26.02 9.36 9.08
C LEU A 620 26.57 7.96 9.32
N PHE A 621 26.73 7.22 8.25
CA PHE A 621 27.06 5.80 8.38
C PHE A 621 28.48 5.51 8.85
N PRO A 622 29.48 6.34 8.54
CA PRO A 622 30.78 6.15 9.23
C PRO A 622 30.67 6.25 10.74
N GLN A 623 29.86 7.18 11.24
CA GLN A 623 29.65 7.28 12.69
C GLN A 623 28.94 6.06 13.23
N ILE A 624 27.94 5.55 12.50
CA ILE A 624 27.25 4.34 12.92
C ILE A 624 28.22 3.17 12.97
N LEU A 625 29.09 3.08 11.97
CA LEU A 625 30.08 2.01 11.95
C LEU A 625 31.04 2.10 13.12
N SER A 626 31.49 3.31 13.44
CA SER A 626 32.37 3.49 14.59
C SER A 626 31.67 3.08 15.87
N SER A 627 30.41 3.47 16.02
CA SER A 627 29.64 3.11 17.21
C SER A 627 29.50 1.60 17.34
N ILE A 628 29.16 0.91 16.24
CA ILE A 628 28.97 -0.53 16.30
C ILE A 628 30.29 -1.24 16.57
N GLU A 629 31.39 -0.74 15.99
CA GLU A 629 32.69 -1.32 16.27
C GLU A 629 33.05 -1.18 17.73
N LEU A 630 32.70 -0.04 18.35
CA LEU A 630 32.85 0.08 19.79
C LEU A 630 31.98 -0.93 20.52
N LEU A 631 30.77 -1.17 20.01
CA LEU A 631 29.87 -2.13 20.64
C LEU A 631 30.45 -3.53 20.67
N GLN A 632 30.97 -4.00 19.53
CA GLN A 632 31.37 -5.40 19.42
C GLN A 632 32.53 -5.72 20.36
N HIS A 633 33.47 -4.79 20.53
CA HIS A 633 34.56 -4.98 21.48
C HIS A 633 34.11 -4.83 22.93
N SER A 634 32.89 -4.37 23.17
CA SER A 634 32.36 -4.15 24.51
C SER A 634 33.22 -3.18 25.30
N GLU B 84 -14.00 -26.88 -0.57
CA GLU B 84 -13.12 -25.73 -0.46
C GLU B 84 -12.65 -25.24 -1.82
N LEU B 85 -11.78 -24.23 -1.82
CA LEU B 85 -11.28 -23.62 -3.03
C LEU B 85 -9.75 -23.70 -3.05
N LYS B 86 -9.21 -23.98 -4.23
CA LYS B 86 -7.78 -24.14 -4.42
C LYS B 86 -7.32 -23.36 -5.65
N ASP B 87 -6.02 -23.08 -5.70
CA ASP B 87 -5.48 -22.27 -6.80
C ASP B 87 -5.65 -22.98 -8.14
N ASP B 88 -5.45 -24.30 -8.17
CA ASP B 88 -5.50 -25.02 -9.44
C ASP B 88 -6.90 -25.06 -10.04
N ASP B 89 -7.93 -24.71 -9.27
CA ASP B 89 -9.31 -24.76 -9.76
C ASP B 89 -9.69 -23.55 -10.61
N PHE B 90 -8.84 -22.54 -10.71
CA PHE B 90 -9.18 -21.29 -11.36
C PHE B 90 -8.36 -21.10 -12.63
N GLU B 91 -9.01 -20.58 -13.66
CA GLU B 91 -8.36 -20.16 -14.90
C GLU B 91 -8.63 -18.67 -15.06
N LYS B 92 -7.60 -17.85 -14.92
CA LYS B 92 -7.79 -16.42 -15.05
C LYS B 92 -8.25 -16.06 -16.46
N ILE B 93 -9.28 -15.24 -16.55
CA ILE B 93 -9.81 -14.82 -17.84
C ILE B 93 -9.17 -13.48 -18.20
N SER B 94 -9.11 -12.59 -17.23
CA SER B 94 -8.60 -11.23 -17.45
C SER B 94 -8.30 -10.61 -16.09
N GLU B 95 -7.61 -9.48 -16.14
CA GLU B 95 -7.30 -8.71 -14.94
C GLU B 95 -8.39 -7.67 -14.72
N LEU B 96 -9.21 -7.87 -13.69
CA LEU B 96 -10.23 -6.89 -13.36
C LEU B 96 -9.61 -5.56 -12.93
N GLY B 97 -8.56 -5.62 -12.13
CA GLY B 97 -7.88 -4.42 -11.70
C GLY B 97 -6.93 -4.72 -10.56
N ALA B 98 -6.12 -3.72 -10.25
CA ALA B 98 -5.15 -3.84 -9.17
C ALA B 98 -5.18 -2.58 -8.31
N GLY B 99 -4.98 -2.77 -7.01
CA GLY B 99 -4.86 -1.66 -6.09
C GLY B 99 -3.51 -1.65 -5.43
N ASN B 100 -3.31 -0.79 -4.42
CA ASN B 100 -2.05 -0.79 -3.69
C ASN B 100 -1.85 -2.12 -2.97
N GLY B 101 -2.90 -2.62 -2.33
CA GLY B 101 -2.78 -3.89 -1.61
C GLY B 101 -2.56 -5.07 -2.54
N GLY B 102 -3.32 -5.14 -3.63
CA GLY B 102 -3.25 -6.30 -4.49
C GLY B 102 -3.99 -6.13 -5.79
N VAL B 103 -4.24 -7.27 -6.44
CA VAL B 103 -4.80 -7.33 -7.77
C VAL B 103 -5.99 -8.29 -7.77
N VAL B 104 -7.00 -7.97 -8.58
CA VAL B 104 -8.20 -8.78 -8.71
C VAL B 104 -8.26 -9.34 -10.12
N PHE B 105 -8.48 -10.66 -10.22
CA PHE B 105 -8.55 -11.35 -11.50
C PHE B 105 -9.93 -11.95 -11.70
N LYS B 106 -10.52 -11.70 -12.89
CA LYS B 106 -11.73 -12.39 -13.32
C LYS B 106 -11.35 -13.80 -13.72
N VAL B 107 -11.81 -14.79 -12.95
CA VAL B 107 -11.38 -16.15 -13.11
C VAL B 107 -12.61 -17.04 -13.29
N SER B 108 -12.37 -18.25 -13.80
CA SER B 108 -13.40 -19.26 -13.97
C SER B 108 -13.13 -20.38 -12.98
N HIS B 109 -14.13 -20.75 -12.21
CA HIS B 109 -14.01 -21.88 -11.29
C HIS B 109 -14.33 -23.15 -12.07
N LYS B 110 -13.30 -23.92 -12.41
CA LYS B 110 -13.48 -25.08 -13.27
C LYS B 110 -14.48 -26.09 -12.71
N PRO B 111 -14.46 -26.47 -11.43
CA PRO B 111 -15.46 -27.44 -10.94
C PRO B 111 -16.89 -26.97 -11.11
N SER B 112 -17.15 -25.67 -10.99
CA SER B 112 -18.51 -25.15 -11.11
C SER B 112 -18.74 -24.37 -12.39
N GLY B 113 -17.70 -23.86 -13.04
CA GLY B 113 -17.87 -23.20 -14.32
C GLY B 113 -18.50 -21.84 -14.26
N LEU B 114 -18.42 -21.15 -13.13
CA LEU B 114 -18.99 -19.83 -12.98
C LEU B 114 -17.88 -18.79 -12.86
N VAL B 115 -18.09 -17.64 -13.51
CA VAL B 115 -17.09 -16.58 -13.49
C VAL B 115 -17.19 -15.82 -12.17
N MET B 116 -16.11 -15.80 -11.42
CA MET B 116 -16.04 -15.07 -10.17
C MET B 116 -14.79 -14.19 -10.18
N ALA B 117 -14.75 -13.24 -9.25
CA ALA B 117 -13.61 -12.34 -9.11
C ALA B 117 -12.68 -12.90 -8.06
N ARG B 118 -11.39 -12.99 -8.38
CA ARG B 118 -10.37 -13.48 -7.47
C ARG B 118 -9.40 -12.35 -7.16
N LYS B 119 -9.40 -11.90 -5.91
CA LYS B 119 -8.52 -10.83 -5.46
C LYS B 119 -7.27 -11.45 -4.83
N LEU B 120 -6.11 -11.04 -5.32
CA LEU B 120 -4.83 -11.50 -4.80
C LEU B 120 -4.22 -10.39 -3.97
N ILE B 121 -4.09 -10.64 -2.67
CA ILE B 121 -3.45 -9.70 -1.75
C ILE B 121 -2.13 -10.33 -1.32
N HIS B 122 -1.02 -9.78 -1.82
CA HIS B 122 0.29 -10.32 -1.47
C HIS B 122 0.75 -9.74 -0.15
N LEU B 123 1.14 -10.61 0.78
CA LEU B 123 1.69 -10.19 2.05
C LEU B 123 2.50 -11.33 2.63
N GLU B 124 3.62 -10.98 3.24
CA GLU B 124 4.52 -11.94 3.88
C GLU B 124 4.24 -11.88 5.37
N ILE B 125 3.52 -12.87 5.87
CA ILE B 125 3.10 -12.93 7.26
C ILE B 125 3.35 -14.33 7.79
N LYS B 126 3.23 -14.48 9.10
CA LYS B 126 3.45 -15.76 9.74
C LYS B 126 2.35 -16.74 9.33
N PRO B 127 2.64 -18.05 9.34
CA PRO B 127 1.58 -19.03 9.05
C PRO B 127 0.38 -18.91 9.98
N ALA B 128 0.62 -18.62 11.26
CA ALA B 128 -0.48 -18.45 12.20
C ALA B 128 -1.35 -17.26 11.81
N ILE B 129 -0.74 -16.16 11.37
CA ILE B 129 -1.51 -15.02 10.92
C ILE B 129 -2.31 -15.36 9.67
N ARG B 130 -1.74 -16.16 8.78
CA ARG B 130 -2.47 -16.59 7.59
C ARG B 130 -3.71 -17.40 7.98
N ASN B 131 -3.55 -18.36 8.88
CA ASN B 131 -4.68 -19.17 9.31
C ASN B 131 -5.73 -18.32 9.99
N GLN B 132 -5.30 -17.36 10.81
CA GLN B 132 -6.24 -16.48 11.48
C GLN B 132 -6.99 -15.61 10.48
N ILE B 133 -6.30 -15.12 9.45
CA ILE B 133 -6.98 -14.30 8.44
C ILE B 133 -8.01 -15.14 7.68
N ILE B 134 -7.67 -16.37 7.33
CA ILE B 134 -8.64 -17.22 6.62
C ILE B 134 -9.84 -17.50 7.52
N ARG B 135 -9.60 -17.80 8.79
CA ARG B 135 -10.68 -18.07 9.72
C ARG B 135 -11.58 -16.84 9.89
N GLU B 136 -10.98 -15.66 9.99
CA GLU B 136 -11.78 -14.44 10.14
C GLU B 136 -12.55 -14.12 8.87
N LEU B 137 -11.99 -14.43 7.70
CA LEU B 137 -12.71 -14.21 6.45
C LEU B 137 -13.83 -15.21 6.24
N GLN B 138 -13.80 -16.35 6.94
CA GLN B 138 -14.89 -17.32 6.83
C GLN B 138 -16.23 -16.77 7.32
N VAL B 139 -16.22 -15.65 8.05
CA VAL B 139 -17.47 -15.02 8.48
C VAL B 139 -18.26 -14.51 7.28
N LEU B 140 -17.57 -14.21 6.18
CA LEU B 140 -18.21 -13.63 5.00
C LEU B 140 -19.22 -14.56 4.34
N HIS B 141 -19.35 -15.78 4.84
CA HIS B 141 -20.31 -16.72 4.26
C HIS B 141 -21.74 -16.32 4.57
N GLU B 142 -21.98 -15.69 5.70
CA GLU B 142 -23.32 -15.23 6.05
C GLU B 142 -23.52 -13.75 5.81
N CYS B 143 -22.58 -13.08 5.13
CA CYS B 143 -22.70 -11.66 4.83
C CYS B 143 -23.51 -11.54 3.55
N ASN B 144 -24.82 -11.72 3.67
CA ASN B 144 -25.73 -11.79 2.53
C ASN B 144 -26.62 -10.55 2.53
N SER B 145 -26.47 -9.73 1.50
CA SER B 145 -27.28 -8.53 1.35
C SER B 145 -27.27 -8.10 -0.10
N PRO B 146 -28.37 -7.54 -0.61
CA PRO B 146 -28.38 -6.98 -1.97
C PRO B 146 -27.42 -5.83 -2.16
N TYR B 147 -26.79 -5.34 -1.10
CA TYR B 147 -25.85 -4.24 -1.16
C TYR B 147 -24.45 -4.64 -0.70
N ILE B 148 -24.21 -5.93 -0.52
CA ILE B 148 -22.91 -6.48 -0.20
C ILE B 148 -22.55 -7.50 -1.26
N VAL B 149 -21.35 -7.38 -1.84
CA VAL B 149 -20.96 -8.32 -2.90
C VAL B 149 -20.82 -9.72 -2.31
N GLY B 150 -21.08 -10.72 -3.14
CA GLY B 150 -21.09 -12.08 -2.66
C GLY B 150 -19.71 -12.59 -2.33
N PHE B 151 -19.67 -13.73 -1.66
CA PHE B 151 -18.42 -14.32 -1.21
C PHE B 151 -18.48 -15.82 -1.41
N TYR B 152 -17.44 -16.37 -2.03
CA TYR B 152 -17.35 -17.81 -2.27
C TYR B 152 -16.36 -18.53 -1.37
N GLY B 153 -15.22 -17.92 -1.11
CA GLY B 153 -14.22 -18.53 -0.26
C GLY B 153 -12.94 -17.73 -0.28
N ALA B 154 -12.03 -18.13 0.60
CA ALA B 154 -10.75 -17.46 0.72
C ALA B 154 -9.68 -18.50 1.05
N PHE B 155 -8.49 -18.31 0.50
CA PHE B 155 -7.39 -19.23 0.74
C PHE B 155 -6.08 -18.50 0.50
N TYR B 156 -5.00 -19.07 1.01
CA TYR B 156 -3.64 -18.55 0.86
C TYR B 156 -2.85 -19.49 -0.02
N SER B 157 -2.41 -19.00 -1.17
CA SER B 157 -1.74 -19.87 -2.13
C SER B 157 -0.22 -19.82 -1.99
N ASP B 158 0.39 -18.67 -2.29
CA ASP B 158 1.85 -18.53 -2.19
C ASP B 158 2.17 -17.06 -2.00
N GLY B 159 2.43 -16.66 -0.75
CA GLY B 159 2.72 -15.26 -0.48
C GLY B 159 1.59 -14.32 -0.78
N GLU B 160 0.38 -14.85 -0.97
CA GLU B 160 -0.76 -14.04 -1.38
C GLU B 160 -2.02 -14.59 -0.74
N ILE B 161 -2.87 -13.65 -0.27
CA ILE B 161 -4.20 -14.02 0.28
C ILE B 161 -5.19 -13.86 -0.88
N SER B 162 -5.99 -14.90 -1.16
CA SER B 162 -6.91 -14.91 -2.28
C SER B 162 -8.33 -14.99 -1.75
N ILE B 163 -9.15 -14.00 -2.10
CA ILE B 163 -10.55 -13.94 -1.69
C ILE B 163 -11.41 -14.02 -2.94
N CYS B 164 -12.27 -15.02 -2.99
CA CYS B 164 -13.12 -15.26 -4.16
C CYS B 164 -14.49 -14.68 -3.88
N MET B 165 -14.82 -13.60 -4.58
CA MET B 165 -16.10 -12.92 -4.42
C MET B 165 -16.83 -12.93 -5.75
N GLU B 166 -18.12 -12.56 -5.70
CA GLU B 166 -18.93 -12.58 -6.90
C GLU B 166 -18.42 -11.55 -7.90
N HIS B 167 -18.46 -11.92 -9.18
CA HIS B 167 -18.02 -11.02 -10.23
C HIS B 167 -19.10 -9.99 -10.49
N MET B 168 -18.71 -8.72 -10.48
CA MET B 168 -19.61 -7.61 -10.75
C MET B 168 -19.27 -7.05 -12.12
N ASP B 169 -20.20 -7.20 -13.07
CA ASP B 169 -19.92 -6.83 -14.46
C ASP B 169 -19.59 -5.37 -14.59
N GLY B 170 -20.33 -4.51 -13.88
CA GLY B 170 -20.10 -3.08 -13.98
C GLY B 170 -18.78 -2.61 -13.42
N GLY B 171 -18.11 -3.46 -12.64
CA GLY B 171 -16.83 -3.09 -12.06
C GLY B 171 -17.01 -2.34 -10.77
N SER B 172 -16.38 -1.16 -10.67
CA SER B 172 -16.51 -0.29 -9.51
C SER B 172 -16.81 1.12 -10.01
N LEU B 173 -17.27 1.96 -9.08
CA LEU B 173 -17.64 3.33 -9.45
C LEU B 173 -16.45 4.17 -9.87
N ASP B 174 -15.22 3.77 -9.51
CA ASP B 174 -14.05 4.46 -10.03
C ASP B 174 -13.96 4.28 -11.54
N GLN B 175 -14.23 3.07 -12.02
CA GLN B 175 -14.24 2.83 -13.46
C GLN B 175 -15.35 3.63 -14.14
N VAL B 176 -16.52 3.70 -13.51
CA VAL B 176 -17.62 4.47 -14.09
C VAL B 176 -17.27 5.95 -14.14
N LEU B 177 -16.55 6.43 -13.12
CA LEU B 177 -16.08 7.81 -13.13
C LEU B 177 -15.07 8.05 -14.25
N LYS B 178 -14.19 7.07 -14.50
CA LYS B 178 -13.26 7.21 -15.62
C LYS B 178 -14.03 7.24 -16.94
N LYS B 179 -15.12 6.48 -17.03
CA LYS B 179 -15.94 6.48 -18.24
C LYS B 179 -16.63 7.82 -18.44
N ALA B 180 -17.50 8.20 -17.51
CA ALA B 180 -18.32 9.40 -17.64
C ALA B 180 -17.73 10.54 -16.81
N GLY B 181 -17.81 11.75 -17.35
CA GLY B 181 -17.22 12.92 -16.72
C GLY B 181 -17.62 13.09 -15.27
N ARG B 182 -18.91 13.00 -14.97
CA ARG B 182 -19.42 13.03 -13.61
C ARG B 182 -20.70 12.21 -13.53
N ILE B 183 -20.85 11.48 -12.44
CA ILE B 183 -22.06 10.66 -12.25
C ILE B 183 -23.25 11.58 -12.04
N PRO B 184 -24.38 11.32 -12.70
CA PRO B 184 -25.57 12.14 -12.45
C PRO B 184 -26.08 12.02 -11.03
N GLU B 185 -26.79 13.05 -10.60
CA GLU B 185 -27.20 13.16 -9.20
C GLU B 185 -28.18 12.05 -8.81
N GLN B 186 -29.10 11.69 -9.70
CA GLN B 186 -30.10 10.67 -9.37
C GLN B 186 -29.45 9.30 -9.17
N ILE B 187 -28.53 8.95 -10.07
CA ILE B 187 -27.81 7.64 -9.92
C ILE B 187 -27.08 7.65 -8.56
N LEU B 188 -26.49 8.80 -8.20
CA LEU B 188 -25.75 8.91 -6.92
C LEU B 188 -26.73 8.68 -5.78
N GLY B 189 -27.89 9.33 -5.85
CA GLY B 189 -28.92 9.07 -4.83
C GLY B 189 -29.12 7.58 -4.67
N LYS B 190 -29.23 6.88 -5.79
CA LYS B 190 -29.40 5.43 -5.72
C LYS B 190 -28.17 4.76 -5.10
N VAL B 191 -26.98 5.22 -5.49
CA VAL B 191 -25.74 4.69 -4.93
C VAL B 191 -25.66 4.93 -3.43
N SER B 192 -26.03 6.14 -3.00
CA SER B 192 -25.95 6.47 -1.59
C SER B 192 -26.96 5.68 -0.77
N ILE B 193 -28.15 5.45 -1.32
CA ILE B 193 -29.11 4.57 -0.66
C ILE B 193 -28.52 3.19 -0.49
N ALA B 194 -27.88 2.67 -1.55
CA ALA B 194 -27.27 1.35 -1.46
C ALA B 194 -26.15 1.33 -0.41
N VAL B 195 -25.33 2.37 -0.37
CA VAL B 195 -24.23 2.44 0.58
C VAL B 195 -24.75 2.50 2.01
N ILE B 196 -25.77 3.32 2.26
CA ILE B 196 -26.37 3.41 3.58
C ILE B 196 -26.96 2.07 4.00
N LYS B 197 -27.68 1.41 3.08
CA LYS B 197 -28.27 0.12 3.41
C LYS B 197 -27.19 -0.92 3.70
N GLY B 198 -26.11 -0.93 2.91
CA GLY B 198 -25.04 -1.88 3.18
C GLY B 198 -24.33 -1.62 4.49
N LEU B 199 -24.07 -0.35 4.79
CA LEU B 199 -23.42 0.00 6.04
C LEU B 199 -24.31 -0.36 7.24
N THR B 200 -25.60 -0.07 7.15
CA THR B 200 -26.47 -0.43 8.26
C THR B 200 -26.64 -1.94 8.36
N TYR B 201 -26.59 -2.66 7.23
CA TYR B 201 -26.63 -4.11 7.31
C TYR B 201 -25.41 -4.66 8.04
N LEU B 202 -24.21 -4.21 7.64
CA LEU B 202 -23.00 -4.66 8.30
C LEU B 202 -23.02 -4.33 9.78
N ARG B 203 -23.41 -3.09 10.11
CA ARG B 203 -23.45 -2.67 11.51
C ARG B 203 -24.46 -3.48 12.31
N GLU B 204 -25.66 -3.69 11.76
CA GLU B 204 -26.74 -4.29 12.53
C GLU B 204 -26.54 -5.79 12.70
N LYS B 205 -26.15 -6.50 11.65
CA LYS B 205 -26.14 -7.96 11.68
C LYS B 205 -24.74 -8.54 11.80
N HIS B 206 -23.70 -7.72 11.74
CA HIS B 206 -22.34 -8.21 11.88
C HIS B 206 -21.46 -7.35 12.77
N LYS B 207 -21.91 -6.17 13.19
CA LYS B 207 -21.11 -5.25 14.00
C LYS B 207 -19.79 -4.98 13.32
N ILE B 208 -19.83 -4.75 12.01
CA ILE B 208 -18.64 -4.59 11.18
C ILE B 208 -18.65 -3.18 10.61
N MET B 209 -17.52 -2.49 10.71
CA MET B 209 -17.31 -1.21 10.07
C MET B 209 -16.60 -1.41 8.74
N HIS B 210 -17.10 -0.74 7.69
CA HIS B 210 -16.52 -0.89 6.37
C HIS B 210 -15.06 -0.45 6.36
N ARG B 211 -14.80 0.77 6.83
CA ARG B 211 -13.46 1.35 6.96
C ARG B 211 -12.82 1.68 5.61
N ASP B 212 -13.43 1.24 4.51
CA ASP B 212 -12.85 1.42 3.19
C ASP B 212 -13.92 1.84 2.19
N VAL B 213 -14.81 2.75 2.58
CA VAL B 213 -15.84 3.24 1.67
C VAL B 213 -15.14 4.15 0.68
N LYS B 214 -14.90 3.63 -0.51
CA LYS B 214 -14.27 4.35 -1.61
C LYS B 214 -15.07 4.10 -2.86
N PRO B 215 -14.97 4.97 -3.85
CA PRO B 215 -15.63 4.70 -5.14
C PRO B 215 -15.16 3.41 -5.78
N SER B 216 -13.92 3.01 -5.51
CA SER B 216 -13.39 1.75 -6.03
C SER B 216 -13.85 0.54 -5.23
N ASN B 217 -14.45 0.74 -4.06
CA ASN B 217 -14.95 -0.36 -3.24
C ASN B 217 -16.46 -0.50 -3.29
N ILE B 218 -17.14 0.27 -4.13
CA ILE B 218 -18.56 0.11 -4.41
C ILE B 218 -18.71 -0.43 -5.82
N LEU B 219 -19.29 -1.62 -5.94
CA LEU B 219 -19.35 -2.35 -7.19
C LEU B 219 -20.78 -2.43 -7.70
N VAL B 220 -20.94 -2.40 -9.03
CA VAL B 220 -22.24 -2.38 -9.66
C VAL B 220 -22.36 -3.57 -10.62
N ASN B 221 -23.60 -3.88 -10.98
CA ASN B 221 -23.92 -5.00 -11.85
C ASN B 221 -24.57 -4.48 -13.12
N SER B 222 -24.50 -5.30 -14.17
CA SER B 222 -25.20 -4.97 -15.41
C SER B 222 -26.70 -4.96 -15.23
N ARG B 223 -27.20 -5.59 -14.16
CA ARG B 223 -28.62 -5.58 -13.84
C ARG B 223 -29.02 -4.42 -12.93
N GLY B 224 -28.07 -3.57 -12.54
CA GLY B 224 -28.38 -2.37 -11.79
C GLY B 224 -28.17 -2.46 -10.30
N GLU B 225 -27.66 -3.58 -9.79
CA GLU B 225 -27.38 -3.68 -8.36
C GLU B 225 -26.16 -2.84 -8.00
N ILE B 226 -26.13 -2.39 -6.74
CA ILE B 226 -25.01 -1.64 -6.18
C ILE B 226 -24.62 -2.31 -4.88
N LYS B 227 -23.35 -2.66 -4.73
CA LYS B 227 -22.92 -3.47 -3.60
C LYS B 227 -21.60 -2.95 -3.05
N LEU B 228 -21.34 -3.29 -1.79
CA LEU B 228 -20.13 -2.89 -1.07
C LEU B 228 -19.14 -4.04 -1.00
N CYS B 229 -17.86 -3.72 -1.13
CA CYS B 229 -16.79 -4.71 -1.03
C CYS B 229 -15.64 -4.13 -0.23
N ASP B 230 -14.68 -5.00 0.11
CA ASP B 230 -13.44 -4.55 0.81
C ASP B 230 -13.77 -3.90 2.15
N PHE B 231 -14.66 -4.53 2.93
CA PHE B 231 -14.98 -3.99 4.29
C PHE B 231 -14.16 -4.76 5.31
N GLY B 232 -13.96 -4.19 6.50
CA GLY B 232 -13.09 -4.82 7.51
C GLY B 232 -13.76 -5.99 8.19
N VAL B 233 -13.72 -7.17 7.57
CA VAL B 233 -14.27 -8.39 8.19
C VAL B 233 -13.16 -9.02 9.06
N SER B 234 -11.92 -8.97 8.58
CA SER B 234 -10.79 -9.61 9.31
C SER B 234 -9.90 -8.53 9.93
N GLY B 235 -9.79 -8.51 11.27
CA GLY B 235 -8.88 -7.57 11.92
C GLY B 235 -7.43 -7.87 11.63
N GLN B 236 -7.07 -9.15 11.59
CA GLN B 236 -5.70 -9.54 11.29
C GLN B 236 -5.31 -9.13 9.87
N LEU B 237 -6.25 -9.22 8.92
CA LEU B 237 -5.95 -8.75 7.57
C LEU B 237 -5.70 -7.25 7.56
N ILE B 238 -6.47 -6.49 8.34
CA ILE B 238 -6.24 -5.05 8.43
C ILE B 238 -4.86 -4.76 9.01
N ASP B 239 -4.49 -5.47 10.07
CA ASP B 239 -3.18 -5.28 10.68
C ASP B 239 -2.07 -5.63 9.69
N ALA B 240 -2.23 -6.73 8.96
CA ALA B 240 -1.22 -7.12 7.98
C ALA B 240 -1.11 -6.11 6.85
N MET B 241 -2.22 -5.54 6.41
CA MET B 241 -2.21 -4.54 5.36
C MET B 241 -1.82 -3.16 5.85
N ALA B 242 -1.67 -2.99 7.17
CA ALA B 242 -1.10 -1.74 7.68
C ALA B 242 0.31 -1.53 7.16
N ASN B 243 1.12 -2.58 7.12
CA ASN B 243 2.44 -2.53 6.50
C ASN B 243 2.28 -2.52 4.99
N ALA B 244 2.08 -1.34 4.42
CA ALA B 244 1.79 -1.21 3.01
C ALA B 244 2.65 -0.11 2.40
N PHE B 245 2.69 -0.09 1.08
CA PHE B 245 3.38 0.98 0.36
C PHE B 245 2.53 2.25 0.39
N VAL B 246 3.19 3.39 0.22
CA VAL B 246 2.49 4.66 0.33
C VAL B 246 1.47 4.78 -0.80
N GLY B 247 0.37 5.48 -0.52
CA GLY B 247 -0.70 5.65 -1.48
C GLY B 247 -0.64 7.00 -2.17
N THR B 248 -1.64 7.23 -3.01
CA THR B 248 -1.76 8.49 -3.75
C THR B 248 -2.83 9.40 -3.18
N ARG B 249 -4.01 8.86 -2.84
CA ARG B 249 -5.10 9.63 -2.26
C ARG B 249 -5.69 8.83 -1.11
N SER B 250 -6.63 9.46 -0.40
CA SER B 250 -7.26 8.82 0.75
C SER B 250 -8.67 9.35 0.91
N TYR B 251 -9.52 8.52 1.51
CA TYR B 251 -10.90 8.86 1.83
C TYR B 251 -11.17 8.65 3.31
N MET B 252 -10.16 8.99 4.13
CA MET B 252 -10.25 8.74 5.59
C MET B 252 -10.81 9.95 6.32
N SER B 253 -11.68 9.72 7.30
CA SER B 253 -12.22 10.80 8.11
C SER B 253 -11.15 11.37 9.02
N PRO B 254 -11.23 12.65 9.39
CA PRO B 254 -10.18 13.23 10.22
C PRO B 254 -10.01 12.56 11.58
N GLU B 255 -11.08 12.04 12.17
CA GLU B 255 -10.94 11.41 13.48
C GLU B 255 -10.10 10.14 13.42
N ARG B 256 -10.14 9.43 12.29
CA ARG B 256 -9.30 8.24 12.15
C ARG B 256 -7.85 8.62 11.89
N LEU B 257 -7.61 9.65 11.07
CA LEU B 257 -6.25 10.09 10.82
C LEU B 257 -5.60 10.62 12.09
N GLN B 258 -6.34 11.38 12.89
CA GLN B 258 -5.80 11.86 14.16
C GLN B 258 -5.68 10.74 15.18
N GLY B 259 -6.32 9.61 14.93
CA GLY B 259 -6.22 8.48 15.81
C GLY B 259 -7.21 8.45 16.96
N THR B 260 -8.13 9.41 17.02
CA THR B 260 -9.14 9.40 18.05
C THR B 260 -10.15 8.28 17.79
N HIS B 261 -11.14 8.18 18.68
CA HIS B 261 -12.15 7.14 18.54
C HIS B 261 -12.94 7.33 17.26
N TYR B 262 -13.22 6.22 16.59
CA TYR B 262 -13.91 6.22 15.31
C TYR B 262 -15.04 5.21 15.32
N SER B 263 -16.10 5.52 14.58
CA SER B 263 -17.28 4.67 14.50
C SER B 263 -17.76 4.70 13.07
N VAL B 264 -19.01 4.27 12.86
CA VAL B 264 -19.60 4.30 11.52
C VAL B 264 -19.66 5.72 10.99
N GLN B 265 -19.50 6.72 11.86
CA GLN B 265 -19.40 8.10 11.38
C GLN B 265 -18.22 8.26 10.44
N SER B 266 -17.14 7.52 10.68
CA SER B 266 -16.01 7.53 9.76
C SER B 266 -16.41 7.03 8.38
N ASP B 267 -17.17 5.93 8.35
CA ASP B 267 -17.67 5.41 7.07
C ASP B 267 -18.61 6.40 6.41
N ILE B 268 -19.38 7.14 7.20
CA ILE B 268 -20.27 8.14 6.63
C ILE B 268 -19.47 9.29 6.03
N TRP B 269 -18.39 9.70 6.70
CA TRP B 269 -17.51 10.71 6.13
C TRP B 269 -16.88 10.23 4.83
N SER B 270 -16.46 8.96 4.81
CA SER B 270 -15.90 8.38 3.59
C SER B 270 -16.93 8.34 2.47
N MET B 271 -18.16 7.95 2.83
CA MET B 271 -19.26 7.93 1.83
C MET B 271 -19.43 9.34 1.27
N GLY B 272 -19.51 10.34 2.16
CA GLY B 272 -19.71 11.71 1.71
C GLY B 272 -18.61 12.17 0.77
N LEU B 273 -17.36 11.85 1.12
CA LEU B 273 -16.25 12.21 0.24
C LEU B 273 -16.35 11.49 -1.10
N SER B 274 -16.73 10.21 -1.08
CA SER B 274 -16.89 9.46 -2.31
C SER B 274 -18.01 10.03 -3.17
N LEU B 275 -19.13 10.40 -2.55
CA LEU B 275 -20.24 10.98 -3.29
C LEU B 275 -19.84 12.32 -3.89
N VAL B 276 -19.06 13.13 -3.17
CA VAL B 276 -18.58 14.37 -3.75
C VAL B 276 -17.65 14.07 -4.93
N GLU B 277 -16.76 13.09 -4.77
CA GLU B 277 -15.80 12.77 -5.83
C GLU B 277 -16.50 12.22 -7.06
N MET B 278 -17.65 11.57 -6.88
CA MET B 278 -18.41 11.04 -7.99
C MET B 278 -19.34 12.06 -8.61
N ALA B 279 -19.85 13.01 -7.81
CA ALA B 279 -20.71 14.05 -8.35
C ALA B 279 -19.91 15.07 -9.15
N VAL B 280 -18.75 15.46 -8.65
CA VAL B 280 -17.86 16.34 -9.39
C VAL B 280 -16.91 15.47 -10.21
N GLY B 281 -16.17 16.07 -11.13
CA GLY B 281 -15.31 15.27 -12.01
C GLY B 281 -13.90 15.09 -11.46
N ARG B 282 -13.74 15.02 -10.13
CA ARG B 282 -12.36 14.97 -9.57
C ARG B 282 -12.35 14.63 -8.07
N TYR B 283 -11.20 14.23 -7.54
CA TYR B 283 -11.06 13.99 -6.07
C TYR B 283 -11.16 15.35 -5.41
N PRO B 284 -12.00 15.55 -4.37
CA PRO B 284 -12.25 16.90 -3.79
C PRO B 284 -11.33 17.30 -2.65
N ILE B 285 -10.39 16.45 -2.25
CA ILE B 285 -9.57 16.81 -1.04
C ILE B 285 -8.90 18.18 -1.26
N PRO B 286 -8.18 18.44 -2.38
CA PRO B 286 -7.65 19.80 -2.68
C PRO B 286 -8.71 20.57 -3.46
N PRO B 287 -9.56 21.39 -2.81
CA PRO B 287 -10.69 22.09 -3.49
C PRO B 287 -10.21 22.82 -4.74
N PRO B 288 -10.91 22.69 -5.88
CA PRO B 288 -10.53 23.37 -7.16
C PRO B 288 -9.99 24.76 -6.88
N PRO B 329 0.10 18.57 -8.47
CA PRO B 329 -0.69 17.75 -7.55
C PRO B 329 -0.17 17.82 -6.12
N MET B 330 -0.88 17.20 -5.19
CA MET B 330 -0.49 17.18 -3.78
C MET B 330 -0.16 15.76 -3.36
N ALA B 331 0.89 15.60 -2.57
CA ALA B 331 1.29 14.31 -2.07
C ALA B 331 0.29 13.79 -1.04
N ILE B 332 0.48 12.54 -0.63
CA ILE B 332 -0.46 11.88 0.27
C ILE B 332 -0.51 12.58 1.63
N PHE B 333 0.65 12.94 2.17
CA PHE B 333 0.66 13.60 3.48
C PHE B 333 0.00 14.97 3.41
N GLU B 334 0.21 15.70 2.31
CA GLU B 334 -0.44 16.99 2.17
C GLU B 334 -1.95 16.83 2.15
N LEU B 335 -2.46 15.79 1.49
CA LEU B 335 -3.89 15.52 1.49
C LEU B 335 -4.40 15.18 2.88
N LEU B 336 -3.67 14.35 3.62
CA LEU B 336 -4.09 14.00 4.97
C LEU B 336 -4.10 15.22 5.87
N ASP B 337 -3.08 16.07 5.76
CA ASP B 337 -3.03 17.31 6.52
C ASP B 337 -4.20 18.21 6.17
N TYR B 338 -4.55 18.30 4.89
CA TYR B 338 -5.69 19.11 4.49
C TYR B 338 -6.99 18.58 5.07
N ILE B 339 -7.21 17.26 5.00
CA ILE B 339 -8.48 16.73 5.45
C ILE B 339 -8.53 16.57 6.97
N VAL B 340 -7.43 16.83 7.65
CA VAL B 340 -7.48 16.94 9.12
C VAL B 340 -7.65 18.38 9.57
N ASN B 341 -6.98 19.34 8.92
CA ASN B 341 -6.88 20.69 9.44
C ASN B 341 -7.55 21.74 8.56
N GLU B 342 -8.40 21.35 7.62
CA GLU B 342 -9.05 22.30 6.73
C GLU B 342 -10.54 21.98 6.63
N PRO B 343 -11.36 22.95 6.21
CA PRO B 343 -12.79 22.69 6.13
C PRO B 343 -13.09 21.57 5.16
N PRO B 344 -14.11 20.76 5.44
CA PRO B 344 -14.42 19.65 4.56
C PRO B 344 -14.93 20.17 3.22
N PRO B 345 -14.75 19.40 2.16
CA PRO B 345 -15.17 19.85 0.82
C PRO B 345 -16.69 19.91 0.72
N LYS B 346 -17.15 20.71 -0.23
CA LYS B 346 -18.58 20.89 -0.47
C LYS B 346 -18.86 20.84 -1.96
N LEU B 347 -20.08 20.44 -2.30
CA LEU B 347 -20.47 20.35 -3.70
C LEU B 347 -20.57 21.74 -4.31
N PRO B 348 -20.26 21.88 -5.59
CA PRO B 348 -20.39 23.19 -6.25
C PRO B 348 -21.84 23.65 -6.32
N SER B 349 -22.14 24.76 -5.67
CA SER B 349 -23.50 25.30 -5.67
C SER B 349 -23.87 25.79 -7.07
N GLY B 350 -25.17 25.71 -7.37
CA GLY B 350 -25.70 26.17 -8.63
C GLY B 350 -25.89 25.10 -9.67
N VAL B 351 -25.29 23.91 -9.48
CA VAL B 351 -25.42 22.81 -10.41
C VAL B 351 -25.83 21.53 -9.71
N PHE B 352 -26.25 21.60 -8.45
CA PHE B 352 -26.75 20.46 -7.71
C PHE B 352 -27.94 20.89 -6.87
N SER B 353 -28.83 19.94 -6.57
CA SER B 353 -30.00 20.25 -5.77
C SER B 353 -29.61 20.53 -4.32
N LEU B 354 -30.45 21.33 -3.65
CA LEU B 354 -30.17 21.68 -2.26
C LEU B 354 -30.19 20.46 -1.35
N GLU B 355 -31.06 19.49 -1.64
CA GLU B 355 -31.12 18.29 -0.81
C GLU B 355 -29.83 17.49 -0.90
N PHE B 356 -29.26 17.35 -2.09
CA PHE B 356 -28.00 16.64 -2.25
C PHE B 356 -26.86 17.36 -1.52
N GLN B 357 -26.80 18.68 -1.67
CA GLN B 357 -25.77 19.46 -0.98
C GLN B 357 -25.90 19.31 0.53
N ASP B 358 -27.14 19.37 1.04
CA ASP B 358 -27.34 19.20 2.47
C ASP B 358 -26.95 17.81 2.93
N PHE B 359 -27.25 16.79 2.12
CA PHE B 359 -26.88 15.42 2.48
C PHE B 359 -25.37 15.27 2.59
N VAL B 360 -24.64 15.77 1.59
CA VAL B 360 -23.18 15.63 1.65
C VAL B 360 -22.60 16.47 2.77
N ASN B 361 -23.17 17.65 3.03
CA ASN B 361 -22.68 18.50 4.11
C ASN B 361 -22.89 17.82 5.46
N LYS B 362 -24.02 17.15 5.65
CA LYS B 362 -24.23 16.42 6.90
C LYS B 362 -23.31 15.20 6.99
N CYS B 363 -22.96 14.60 5.84
CA CYS B 363 -21.98 13.52 5.87
C CYS B 363 -20.57 14.05 6.10
N LEU B 364 -20.24 15.20 5.52
CA LEU B 364 -18.91 15.80 5.65
C LEU B 364 -18.89 16.85 6.76
N ILE B 365 -19.02 16.38 7.99
CA ILE B 365 -18.88 17.21 9.17
C ILE B 365 -17.67 16.69 9.95
N LYS B 366 -16.72 17.60 10.23
CA LYS B 366 -15.46 17.17 10.83
C LYS B 366 -15.69 16.56 12.21
N ASN B 367 -16.56 17.16 13.01
CA ASN B 367 -16.87 16.62 14.32
C ASN B 367 -17.76 15.39 14.16
N PRO B 368 -17.34 14.22 14.63
CA PRO B 368 -18.17 13.02 14.46
C PRO B 368 -19.54 13.13 15.12
N ALA B 369 -19.63 13.82 16.26
CA ALA B 369 -20.90 13.91 16.97
C ALA B 369 -21.91 14.74 16.18
N GLU B 370 -21.49 15.87 15.63
CA GLU B 370 -22.39 16.69 14.81
C GLU B 370 -22.70 16.00 13.48
N ARG B 371 -21.84 15.09 13.03
CA ARG B 371 -22.06 14.39 11.77
C ARG B 371 -23.26 13.47 11.84
N ALA B 372 -24.05 13.47 10.77
CA ALA B 372 -25.26 12.66 10.73
C ALA B 372 -24.93 11.18 10.71
N ASP B 373 -25.72 10.40 11.44
CA ASP B 373 -25.58 8.97 11.48
C ASP B 373 -26.50 8.33 10.44
N LEU B 374 -26.51 7.00 10.39
CA LEU B 374 -27.27 6.29 9.37
C LEU B 374 -28.76 6.59 9.48
N LYS B 375 -29.28 6.66 10.71
CA LYS B 375 -30.71 6.90 10.89
C LYS B 375 -31.12 8.25 10.34
N GLN B 376 -30.31 9.30 10.59
CA GLN B 376 -30.61 10.61 10.03
C GLN B 376 -30.46 10.63 8.53
N LEU B 377 -29.47 9.91 8.00
CA LEU B 377 -29.27 9.89 6.55
C LEU B 377 -30.42 9.22 5.83
N MET B 378 -30.96 8.14 6.40
CA MET B 378 -32.06 7.43 5.73
C MET B 378 -33.27 8.31 5.56
N VAL B 379 -33.61 9.10 6.59
CA VAL B 379 -34.82 9.91 6.54
C VAL B 379 -34.51 11.28 5.97
N HIS B 380 -33.31 11.44 5.44
CA HIS B 380 -32.95 12.73 4.85
C HIS B 380 -33.79 12.99 3.61
N ALA B 381 -33.98 14.27 3.29
CA ALA B 381 -34.84 14.64 2.17
C ALA B 381 -34.28 14.11 0.86
N PHE B 382 -32.96 14.15 0.70
CA PHE B 382 -32.35 13.65 -0.54
C PHE B 382 -32.57 12.17 -0.72
N ILE B 383 -32.43 11.38 0.35
CA ILE B 383 -32.61 9.94 0.23
C ILE B 383 -34.04 9.60 -0.13
N LYS B 384 -35.02 10.25 0.51
CA LYS B 384 -36.42 10.02 0.18
C LYS B 384 -36.72 10.46 -1.24
N ARG B 385 -36.18 11.61 -1.66
CA ARG B 385 -36.42 12.10 -3.04
C ARG B 385 -35.90 11.05 -4.01
N SER B 386 -34.66 10.60 -3.82
CA SER B 386 -34.05 9.66 -4.76
C SER B 386 -34.78 8.32 -4.76
N ASP B 387 -35.24 7.88 -3.59
CA ASP B 387 -35.99 6.63 -3.50
C ASP B 387 -37.31 6.74 -4.25
N ALA B 388 -38.01 7.88 -4.11
CA ALA B 388 -39.24 8.09 -4.85
C ALA B 388 -38.97 8.17 -6.36
N GLU B 389 -37.88 8.81 -6.75
CA GLU B 389 -37.54 8.94 -8.16
C GLU B 389 -37.26 7.57 -8.78
N GLU B 390 -37.67 7.41 -10.04
CA GLU B 390 -37.41 6.21 -10.81
C GLU B 390 -36.30 6.52 -11.81
N VAL B 391 -35.16 5.86 -11.64
CA VAL B 391 -33.97 6.12 -12.45
C VAL B 391 -33.54 4.81 -13.11
N ASP B 392 -33.28 4.87 -14.41
CA ASP B 392 -32.83 3.70 -15.16
C ASP B 392 -31.31 3.59 -14.98
N PHE B 393 -30.91 3.06 -13.82
CA PHE B 393 -29.50 2.96 -13.49
C PHE B 393 -28.76 1.99 -14.41
N ALA B 394 -29.36 0.83 -14.67
CA ALA B 394 -28.70 -0.16 -15.52
C ALA B 394 -28.52 0.37 -16.95
N GLY B 395 -29.54 1.02 -17.49
CA GLY B 395 -29.43 1.55 -18.84
C GLY B 395 -28.37 2.64 -18.95
N TRP B 396 -28.34 3.56 -17.98
CA TRP B 396 -27.32 4.59 -17.98
C TRP B 396 -25.93 3.99 -17.85
N LEU B 397 -25.79 2.98 -16.99
CA LEU B 397 -24.50 2.32 -16.80
C LEU B 397 -24.03 1.67 -18.10
N CYS B 398 -24.94 0.96 -18.78
CA CYS B 398 -24.59 0.32 -20.05
C CYS B 398 -24.26 1.35 -21.11
N SER B 399 -24.97 2.48 -21.12
CA SER B 399 -24.68 3.53 -22.10
C SER B 399 -23.29 4.14 -21.87
N THR B 400 -22.93 4.36 -20.60
CA THR B 400 -21.67 5.04 -20.31
C THR B 400 -20.46 4.11 -20.37
N ILE B 401 -20.64 2.81 -20.10
CA ILE B 401 -19.52 1.88 -20.15
C ILE B 401 -19.50 1.03 -21.42
N GLY B 402 -20.56 1.04 -22.21
CA GLY B 402 -20.61 0.23 -23.41
C GLY B 402 -20.80 -1.24 -23.13
PG AGS C . 10.62 -2.96 -2.92
S1G AGS C . 12.46 -3.19 -3.51
O2G AGS C . 10.47 -1.54 -2.33
O3G AGS C . 9.68 -3.09 -4.16
PB AGS C . 10.56 -5.57 -2.07
O1B AGS C . 12.01 -5.86 -2.03
O2B AGS C . 9.79 -6.30 -0.97
O3B AGS C . 10.25 -4.04 -1.86
PA AGS C . 10.83 -6.79 -4.51
O1A AGS C . 10.14 -6.78 -5.82
O2A AGS C . 12.20 -6.12 -4.49
O3A AGS C . 9.95 -6.05 -3.43
O5' AGS C . 10.89 -8.28 -4.02
C5' AGS C . 9.75 -9.14 -4.12
C4' AGS C . 10.17 -10.55 -3.82
O4' AGS C . 11.36 -10.87 -4.58
C3' AGS C . 10.50 -10.84 -2.36
O3' AGS C . 10.02 -12.12 -1.96
C2' AGS C . 12.03 -10.80 -2.33
O2' AGS C . 12.55 -11.65 -1.32
C1' AGS C . 12.37 -11.34 -3.71
N9 AGS C . 13.65 -10.88 -4.23
C8 AGS C . 13.96 -9.63 -4.72
N7 AGS C . 15.19 -9.50 -5.13
C5 AGS C . 15.75 -10.75 -4.89
C6 AGS C . 17.04 -11.27 -5.11
N6 AGS C . 18.04 -10.57 -5.63
N1 AGS C . 17.26 -12.56 -4.76
C2 AGS C . 16.26 -13.27 -4.24
N3 AGS C . 15.00 -12.88 -3.99
C4 AGS C . 14.81 -11.61 -4.34
MG MG D . 13.84 -6.51 -2.32
PG AGS E . -6.87 0.67 -3.30
S1G AGS E . -6.06 -0.88 -2.44
O2G AGS E . -6.04 1.09 -4.54
O3G AGS E . -6.89 1.84 -2.28
PB AGS E . -8.62 -0.64 -4.93
O1B AGS E . -10.09 -0.75 -5.15
O2B AGS E . -7.92 -0.03 -6.15
O3B AGS E . -8.34 0.33 -3.72
PA AGS E . -8.71 -3.41 -5.00
O1A AGS E . -7.76 -4.51 -5.25
O2A AGS E . -9.67 -3.68 -3.83
O3A AGS E . -7.95 -2.05 -4.67
O5' AGS E . -9.49 -3.14 -6.34
C5' AGS E . -8.86 -3.27 -7.62
C4' AGS E . -9.93 -3.13 -8.67
O4' AGS E . -10.47 -4.43 -8.96
C3' AGS E . -11.12 -2.30 -8.27
O3' AGS E . -10.89 -0.92 -8.52
C2' AGS E . -12.25 -2.85 -9.15
O2' AGS E . -12.35 -2.15 -10.38
C1' AGS E . -11.82 -4.30 -9.37
N9 AGS E . -12.61 -5.28 -8.64
C8 AGS E . -12.45 -5.66 -7.33
N7 AGS E . -13.32 -6.55 -6.93
C5 AGS E . -14.09 -6.78 -8.04
C6 AGS E . -15.20 -7.63 -8.27
N6 AGS E . -15.71 -8.44 -7.34
N1 AGS E . -15.76 -7.62 -9.50
C2 AGS E . -15.25 -6.81 -10.43
N3 AGS E . -14.22 -5.97 -10.33
C4 AGS E . -13.68 -6.01 -9.11
MG MG F . -10.64 -2.20 -3.18
C10 LCJ G . -10.45 -6.89 2.67
C11 LCJ G . -10.15 -6.43 5.05
C12 LCJ G . -9.83 -5.68 2.44
C13 LCJ G . -9.53 -5.22 4.77
C14 LCJ G . -9.37 -4.84 3.49
C15 LCJ G . -11.18 -8.40 4.64
C16 LCJ G . -10.47 -7.10 6.25
C17 LCJ G . -12.31 -8.07 1.32
C18 LCJ G . -9.61 -5.21 1.08
C19 LCJ G . -12.76 -8.17 -0.02
C20 LCJ G . -13.29 -8.29 2.30
C21 LCJ G . -14.11 -8.46 -0.36
C22 LCJ G . -14.63 -8.58 2.01
C23 LCJ G . -15.00 -8.65 0.69
C24 LCJ G . -9.30 -2.30 -0.86
C25 LCJ G . -8.76 -1.35 0.23
F02 LCJ G . -11.91 -7.99 -1.01
I01 LCJ G . -16.95 -9.08 0.27
N06 LCJ G . -10.62 -7.28 4.01
N07 LCJ G . -10.93 -7.79 1.66
N08 LCJ G . -11.10 -8.30 5.96
N09 LCJ G . -9.17 -3.94 0.79
O03 LCJ G . -8.99 -3.65 -0.51
O04 LCJ G . -9.78 -6.00 0.14
O05 LCJ G . -9.37 -1.71 1.44
#